data_8U38
#
_entry.id   8U38
#
_cell.length_a   136.024
_cell.length_b   136.024
_cell.length_c   105.807
_cell.angle_alpha   90.000
_cell.angle_beta   90.000
_cell.angle_gamma   120.000
#
_symmetry.space_group_name_H-M   'P 31 2 1'
#
loop_
_entity.id
_entity.type
_entity.pdbx_description
1 polymer 'Methylobacterium brachiatum Ubl-BilA'
2 non-polymer 'CALCIUM ION'
3 non-polymer 'PHOSPHATE ION'
4 water water
#
_entity_poly.entity_id   1
_entity_poly.type   'polypeptide(L)'
_entity_poly.pdbx_seq_one_letter_code
;MHEHEHVEDRVAVQVFDENLNAKDVHLTDPVPTGRQIIKAAGKHPVDDYAVLAWMPDNALRPLHLDETFDLRQHGVERIL
VAPSDTLYRFFIDGQDQEWPVRGITGVVLKTLAGVDPAAFEVFLVIPGDDDIRVEDHELFDLARKGVEHFQTVKRKAPAE
HGIALKVVVNGTETELKVHAGTPLRQVRTEALQKSGNVGRPEDEWQLKDEHGNPYDLNQTVAGVGLHDGDLVWLSLNAGV
AGV
;
_entity_poly.pdbx_strand_id   A,B,C,D
#
loop_
_chem_comp.id
_chem_comp.type
_chem_comp.name
_chem_comp.formula
CA non-polymer 'CALCIUM ION' 'Ca 2'
PO4 non-polymer 'PHOSPHATE ION' 'O4 P -3'
#
# COMPACT_ATOMS: atom_id res chain seq x y z
N ASP A 9 -15.88 -3.02 34.35
CA ASP A 9 -15.18 -2.05 33.52
C ASP A 9 -13.78 -2.54 33.15
N ARG A 10 -13.69 -3.82 32.75
CA ARG A 10 -12.43 -4.50 32.48
C ARG A 10 -12.30 -4.76 30.98
N VAL A 11 -11.29 -4.15 30.36
CA VAL A 11 -11.05 -4.31 28.93
C VAL A 11 -9.93 -5.32 28.74
N ALA A 12 -10.23 -6.42 28.05
CA ALA A 12 -9.28 -7.51 27.81
C ALA A 12 -8.53 -7.37 26.49
N VAL A 13 -7.20 -7.48 26.55
CA VAL A 13 -6.34 -7.53 25.39
C VAL A 13 -5.30 -8.64 25.58
N GLN A 14 -4.97 -9.35 24.50
CA GLN A 14 -3.88 -10.32 24.53
C GLN A 14 -2.54 -9.63 24.30
N VAL A 15 -1.57 -9.90 25.17
CA VAL A 15 -0.22 -9.36 25.07
C VAL A 15 0.74 -10.46 24.62
N PHE A 16 1.38 -10.25 23.47
CA PHE A 16 2.32 -11.20 22.87
C PHE A 16 3.76 -10.76 23.13
N ASP A 17 4.65 -11.75 23.21
CA ASP A 17 6.09 -11.50 23.27
C ASP A 17 6.72 -11.83 21.92
N GLU A 18 8.07 -11.75 21.86
CA GLU A 18 8.76 -11.94 20.59
C GLU A 18 8.59 -13.34 20.03
N ASN A 19 8.25 -14.31 20.87
CA ASN A 19 8.04 -15.67 20.45
C ASN A 19 6.56 -15.98 20.22
N LEU A 20 5.70 -14.97 20.35
CA LEU A 20 4.25 -15.08 20.16
C LEU A 20 3.58 -15.93 21.23
N ASN A 21 4.11 -15.93 22.46
CA ASN A 21 3.39 -16.45 23.60
C ASN A 21 2.55 -15.33 24.21
N ALA A 22 1.26 -15.60 24.39
CA ALA A 22 0.28 -14.58 24.77
C ALA A 22 -0.04 -14.64 26.26
N LYS A 23 -0.45 -13.49 26.80
CA LYS A 23 -0.98 -13.38 28.15
C LYS A 23 -2.17 -12.42 28.14
N ASP A 24 -3.31 -12.87 28.67
CA ASP A 24 -4.47 -11.99 28.77
C ASP A 24 -4.21 -10.92 29.82
N VAL A 25 -4.55 -9.67 29.49
CA VAL A 25 -4.34 -8.54 30.37
C VAL A 25 -5.63 -7.74 30.43
N HIS A 26 -6.06 -7.38 31.63
CA HIS A 26 -7.26 -6.58 31.84
C HIS A 26 -6.87 -5.13 32.11
N LEU A 27 -7.51 -4.22 31.41
CA LEU A 27 -7.25 -2.79 31.55
C LEU A 27 -8.46 -2.09 32.15
N THR A 28 -8.20 -1.16 33.07
CA THR A 28 -9.27 -0.34 33.61
C THR A 28 -9.67 0.78 32.67
N ASP A 29 -8.82 1.11 31.71
CA ASP A 29 -9.04 2.18 30.76
C ASP A 29 -9.04 1.58 29.35
N PRO A 30 -10.10 1.73 28.56
CA PRO A 30 -10.07 1.22 27.19
C PRO A 30 -9.13 2.01 26.29
N VAL A 31 -8.68 3.18 26.71
CA VAL A 31 -7.68 3.96 25.99
C VAL A 31 -6.46 4.13 26.88
N PRO A 32 -5.63 3.10 27.01
CA PRO A 32 -4.42 3.22 27.83
C PRO A 32 -3.31 3.92 27.05
N THR A 33 -2.27 4.31 27.78
CA THR A 33 -1.05 4.74 27.12
C THR A 33 -0.12 3.53 26.98
N GLY A 34 0.96 3.72 26.21
CA GLY A 34 1.93 2.65 26.08
C GLY A 34 2.54 2.26 27.42
N ARG A 35 2.80 3.25 28.26
CA ARG A 35 3.30 3.00 29.61
C ARG A 35 2.33 2.14 30.40
N GLN A 36 1.05 2.50 30.37
CA GLN A 36 0.02 1.75 31.11
C GLN A 36 -0.02 0.30 30.65
N ILE A 37 0.10 0.07 29.34
CA ILE A 37 0.11 -1.30 28.82
C ILE A 37 1.29 -2.07 29.37
N ILE A 38 2.50 -1.49 29.26
CA ILE A 38 3.70 -2.20 29.71
C ILE A 38 3.64 -2.48 31.20
N LYS A 39 3.21 -1.50 32.00
CA LYS A 39 3.05 -1.71 33.43
C LYS A 39 2.04 -2.82 33.71
N ALA A 40 0.89 -2.76 33.04
CA ALA A 40 -0.13 -3.78 33.24
C ALA A 40 0.38 -5.16 32.83
N ALA A 41 1.19 -5.22 31.78
CA ALA A 41 1.84 -6.46 31.38
C ALA A 41 2.84 -6.97 32.41
N GLY A 42 3.22 -6.15 33.40
CA GLY A 42 4.16 -6.57 34.41
C GLY A 42 5.59 -6.67 33.90
N LYS A 43 6.03 -5.65 33.17
CA LYS A 43 7.36 -5.61 32.60
C LYS A 43 8.13 -4.43 33.17
N HIS A 44 9.38 -4.66 33.53
CA HIS A 44 10.22 -3.57 34.02
C HIS A 44 11.66 -3.77 33.57
N PRO A 45 12.41 -2.68 33.40
CA PRO A 45 11.96 -1.27 33.40
C PRO A 45 11.11 -0.97 32.17
N VAL A 46 10.11 -0.09 32.30
CA VAL A 46 9.22 0.20 31.18
C VAL A 46 9.99 0.78 30.00
N ASP A 47 11.02 1.58 30.29
CA ASP A 47 11.79 2.24 29.23
C ASP A 47 12.58 1.26 28.37
N ASP A 48 12.65 -0.02 28.75
CA ASP A 48 13.38 -1.02 27.99
C ASP A 48 12.48 -1.88 27.12
N TYR A 49 11.19 -1.57 27.04
CA TYR A 49 10.23 -2.39 26.33
C TYR A 49 9.55 -1.60 25.24
N ALA A 50 9.40 -2.21 24.07
CA ALA A 50 8.64 -1.65 22.97
C ALA A 50 7.24 -2.24 22.96
N VAL A 51 6.26 -1.42 22.63
CA VAL A 51 4.86 -1.86 22.53
C VAL A 51 4.34 -1.52 21.15
N LEU A 52 3.77 -2.51 20.47
CA LEU A 52 3.29 -2.35 19.10
C LEU A 52 1.90 -2.97 18.99
N ALA A 53 0.89 -2.12 18.83
CA ALA A 53 -0.47 -2.58 18.62
C ALA A 53 -0.58 -3.41 17.35
N TRP A 54 -1.19 -4.58 17.45
CA TRP A 54 -1.36 -5.50 16.32
C TRP A 54 -2.70 -5.20 15.67
N MET A 55 -2.66 -4.47 14.56
CA MET A 55 -3.87 -3.97 13.92
C MET A 55 -4.66 -5.11 13.30
N PRO A 56 -5.93 -4.88 12.98
CA PRO A 56 -6.74 -5.96 12.38
C PRO A 56 -6.18 -6.50 11.07
N ASP A 57 -5.50 -5.68 10.28
CA ASP A 57 -4.89 -6.11 9.03
C ASP A 57 -3.47 -6.66 9.24
N ASN A 58 -3.15 -7.10 10.46
CA ASN A 58 -1.86 -7.68 10.84
C ASN A 58 -0.72 -6.67 10.84
N ALA A 59 -1.01 -5.38 10.74
CA ALA A 59 0.03 -4.36 10.81
C ALA A 59 0.44 -4.12 12.25
N LEU A 60 1.75 -4.00 12.48
CA LEU A 60 2.30 -3.74 13.80
C LEU A 60 2.60 -2.24 13.91
N ARG A 61 1.87 -1.53 14.77
CA ARG A 61 2.03 -0.09 14.92
C ARG A 61 2.73 0.23 16.24
N PRO A 62 3.94 0.77 16.23
CA PRO A 62 4.62 1.10 17.49
C PRO A 62 3.87 2.20 18.23
N LEU A 63 3.82 2.07 19.55
CA LEU A 63 3.21 3.06 20.40
C LEU A 63 4.28 3.65 21.33
N HIS A 64 4.12 4.93 21.64
CA HIS A 64 4.98 5.58 22.60
C HIS A 64 4.43 5.38 24.02
N LEU A 65 5.32 5.52 25.01
CA LEU A 65 4.90 5.35 26.39
C LEU A 65 3.82 6.35 26.78
N ASP A 66 3.85 7.53 26.17
CA ASP A 66 2.89 8.59 26.45
C ASP A 66 1.80 8.72 25.39
N GLU A 67 1.79 7.85 24.38
CA GLU A 67 0.81 7.94 23.30
C GLU A 67 -0.46 7.22 23.71
N THR A 68 -1.58 7.94 23.71
CA THR A 68 -2.88 7.34 23.99
C THR A 68 -3.35 6.55 22.78
N PHE A 69 -3.98 5.41 23.03
CA PHE A 69 -4.42 4.51 21.96
C PHE A 69 -5.80 3.97 22.28
N ASP A 70 -6.79 4.34 21.47
CA ASP A 70 -8.15 3.84 21.62
C ASP A 70 -8.21 2.44 21.03
N LEU A 71 -8.17 1.43 21.90
CA LEU A 71 -8.21 0.05 21.43
C LEU A 71 -9.50 -0.26 20.68
N ARG A 72 -10.63 0.23 21.19
CA ARG A 72 -11.92 -0.10 20.59
C ARG A 72 -12.08 0.54 19.22
N GLN A 73 -11.72 1.82 19.10
CA GLN A 73 -11.85 2.51 17.81
C GLN A 73 -11.04 1.81 16.73
N HIS A 74 -9.81 1.42 17.05
CA HIS A 74 -8.96 0.74 16.07
C HIS A 74 -9.26 -0.75 15.96
N GLY A 75 -10.19 -1.27 16.76
CA GLY A 75 -10.48 -2.70 16.70
C GLY A 75 -9.32 -3.57 17.08
N VAL A 76 -8.47 -3.12 18.00
CA VAL A 76 -7.26 -3.83 18.39
C VAL A 76 -7.55 -4.65 19.64
N GLU A 77 -7.29 -5.95 19.55
CA GLU A 77 -7.42 -6.83 20.69
C GLU A 77 -6.13 -7.57 21.01
N ARG A 78 -5.11 -7.44 20.18
CA ARG A 78 -3.81 -8.06 20.39
C ARG A 78 -2.75 -6.98 20.52
N ILE A 79 -1.83 -7.16 21.46
CA ILE A 79 -0.74 -6.21 21.67
C ILE A 79 0.57 -6.99 21.76
N LEU A 80 1.64 -6.39 21.24
CA LEU A 80 2.98 -6.96 21.33
C LEU A 80 3.85 -6.08 22.21
N VAL A 81 4.43 -6.69 23.25
CA VAL A 81 5.42 -6.05 24.09
C VAL A 81 6.67 -6.92 24.08
N ALA A 82 7.83 -6.29 23.96
CA ALA A 82 9.07 -7.04 23.87
C ALA A 82 10.23 -6.15 24.32
N PRO A 83 11.25 -6.71 24.94
CA PRO A 83 12.44 -5.91 25.27
C PRO A 83 13.16 -5.54 23.98
N SER A 84 13.45 -4.25 23.83
CA SER A 84 13.99 -3.78 22.56
C SER A 84 14.69 -2.44 22.73
N ASP A 85 15.90 -2.33 22.20
CA ASP A 85 16.59 -1.06 22.02
C ASP A 85 16.59 -0.60 20.57
N THR A 86 16.03 -1.39 19.67
CA THR A 86 16.06 -1.09 18.24
C THR A 86 15.00 -1.92 17.52
N LEU A 87 14.34 -1.30 16.54
CA LEU A 87 13.35 -1.95 15.71
C LEU A 87 13.94 -2.20 14.34
N TYR A 88 13.68 -3.38 13.78
CA TYR A 88 14.22 -3.76 12.49
C TYR A 88 13.09 -3.76 11.47
N ARG A 89 13.37 -3.22 10.29
CA ARG A 89 12.34 -2.99 9.28
C ARG A 89 12.40 -4.10 8.23
N PHE A 90 11.23 -4.62 7.88
CA PHE A 90 11.17 -5.72 6.92
C PHE A 90 9.79 -5.74 6.29
N PHE A 91 9.64 -6.57 5.26
CA PHE A 91 8.40 -6.72 4.52
C PHE A 91 8.03 -8.19 4.48
N ILE A 92 6.73 -8.47 4.65
CA ILE A 92 6.18 -9.81 4.49
C ILE A 92 4.95 -9.70 3.59
N ASP A 93 5.05 -10.27 2.39
CA ASP A 93 3.97 -10.25 1.41
C ASP A 93 3.51 -8.83 1.09
N GLY A 94 4.44 -7.86 1.14
CA GLY A 94 4.14 -6.49 0.83
C GLY A 94 3.71 -5.61 1.98
N GLN A 95 3.68 -6.14 3.20
CA GLN A 95 3.26 -5.36 4.37
C GLN A 95 4.48 -4.74 5.05
N ASP A 96 4.43 -3.43 5.23
CA ASP A 96 5.48 -2.71 5.95
C ASP A 96 5.43 -3.10 7.43
N GLN A 97 6.51 -3.68 7.94
CA GLN A 97 6.53 -4.19 9.30
C GLN A 97 7.81 -3.75 10.00
N GLU A 98 7.75 -3.82 11.34
CA GLU A 98 8.87 -3.53 12.23
C GLU A 98 8.91 -4.62 13.30
N TRP A 99 10.10 -5.13 13.58
CA TRP A 99 10.25 -6.15 14.60
C TRP A 99 11.16 -5.63 15.71
N PRO A 100 10.73 -5.68 16.96
CA PRO A 100 11.54 -5.10 18.05
C PRO A 100 12.71 -5.96 18.45
N VAL A 101 12.76 -7.21 17.99
CA VAL A 101 13.82 -8.14 18.35
C VAL A 101 14.62 -8.46 17.09
N ARG A 102 15.90 -8.69 17.28
CA ARG A 102 16.82 -8.95 16.18
C ARG A 102 16.45 -10.19 15.38
N GLY A 103 15.75 -11.16 15.98
CA GLY A 103 15.41 -12.41 15.32
C GLY A 103 13.93 -12.58 15.06
N ILE A 104 13.60 -13.29 13.99
CA ILE A 104 12.22 -13.64 13.65
C ILE A 104 12.23 -14.99 12.93
N THR A 105 11.25 -15.83 13.26
CA THR A 105 11.16 -17.18 12.73
C THR A 105 10.15 -17.27 11.60
N GLY A 106 10.31 -18.32 10.79
CA GLY A 106 9.42 -18.52 9.66
C GLY A 106 7.96 -18.66 10.07
N VAL A 107 7.71 -19.34 11.19
CA VAL A 107 6.34 -19.52 11.66
C VAL A 107 5.74 -18.18 12.09
N VAL A 108 6.55 -17.32 12.70
CA VAL A 108 6.09 -15.98 13.06
C VAL A 108 5.79 -15.17 11.80
N LEU A 109 6.68 -15.26 10.81
CA LEU A 109 6.45 -14.59 9.53
C LEU A 109 5.13 -15.04 8.90
N LYS A 110 4.99 -16.35 8.69
CA LYS A 110 3.75 -16.88 8.13
C LYS A 110 2.54 -16.53 8.99
N THR A 111 2.74 -16.30 10.28
CA THR A 111 1.65 -15.83 11.12
C THR A 111 1.32 -14.38 10.81
N LEU A 112 2.33 -13.52 10.72
CA LEU A 112 2.10 -12.14 10.31
C LEU A 112 1.44 -12.07 8.94
N ALA A 113 1.84 -12.95 8.02
CA ALA A 113 1.27 -12.98 6.68
C ALA A 113 -0.17 -13.46 6.65
N GLY A 114 -0.68 -14.02 7.75
CA GLY A 114 -2.04 -14.50 7.79
C GLY A 114 -2.29 -15.79 7.06
N VAL A 115 -1.25 -16.62 6.86
CA VAL A 115 -1.40 -17.89 6.19
C VAL A 115 -1.29 -19.02 7.19
N ASP A 116 -1.72 -20.21 6.77
CA ASP A 116 -1.54 -21.41 7.56
C ASP A 116 -0.08 -21.87 7.48
N PRO A 117 0.69 -21.74 8.58
CA PRO A 117 2.14 -22.05 8.48
C PRO A 117 2.42 -23.46 7.98
N ALA A 118 1.53 -24.41 8.24
CA ALA A 118 1.75 -25.77 7.76
C ALA A 118 1.65 -25.87 6.25
N ALA A 119 0.80 -25.06 5.63
CA ALA A 119 0.50 -25.17 4.21
C ALA A 119 1.37 -24.26 3.34
N PHE A 120 2.27 -23.48 3.96
CA PHE A 120 3.09 -22.50 3.25
C PHE A 120 4.55 -22.58 3.66
N GLU A 121 5.40 -22.10 2.76
CA GLU A 121 6.80 -21.81 3.03
C GLU A 121 7.05 -20.32 2.84
N VAL A 122 7.98 -19.79 3.62
CA VAL A 122 8.38 -18.39 3.53
C VAL A 122 9.82 -18.34 3.04
N PHE A 123 10.08 -17.44 2.10
CA PHE A 123 11.41 -17.24 1.53
C PHE A 123 11.82 -15.80 1.73
N LEU A 124 13.11 -15.58 1.98
CA LEU A 124 13.69 -14.25 1.83
C LEU A 124 13.98 -14.02 0.35
N VAL A 125 13.18 -13.17 -0.28
CA VAL A 125 13.30 -12.94 -1.72
C VAL A 125 14.48 -12.01 -1.99
N ILE A 126 15.41 -12.47 -2.81
CA ILE A 126 16.57 -11.69 -3.26
C ILE A 126 16.37 -11.41 -4.74
N PRO A 127 16.20 -10.16 -5.15
CA PRO A 127 15.99 -9.86 -6.57
C PRO A 127 17.22 -10.20 -7.40
N GLY A 128 17.01 -11.03 -8.42
CA GLY A 128 18.06 -11.44 -9.33
C GLY A 128 19.01 -12.49 -8.82
N ASP A 129 18.99 -12.77 -7.52
CA ASP A 129 19.84 -13.80 -6.92
C ASP A 129 18.95 -14.88 -6.30
N ASP A 130 19.59 -15.92 -5.79
CA ASP A 130 18.85 -17.04 -5.23
C ASP A 130 18.17 -16.66 -3.93
N ASP A 131 16.94 -17.15 -3.75
CA ASP A 131 16.15 -16.85 -2.56
C ASP A 131 16.51 -17.79 -1.42
N ILE A 132 16.47 -17.27 -0.20
CA ILE A 132 16.78 -18.02 1.01
C ILE A 132 15.47 -18.38 1.71
N ARG A 133 15.24 -19.67 1.89
CA ARG A 133 14.04 -20.15 2.58
C ARG A 133 14.21 -20.06 4.09
N VAL A 134 13.19 -19.53 4.77
CA VAL A 134 13.20 -19.40 6.22
C VAL A 134 12.38 -20.54 6.82
N GLU A 135 13.06 -21.41 7.58
CA GLU A 135 12.38 -22.53 8.21
C GLU A 135 11.45 -22.04 9.33
N ASP A 136 10.41 -22.84 9.58
CA ASP A 136 9.41 -22.49 10.59
C ASP A 136 10.05 -22.08 11.92
N HIS A 137 11.00 -22.88 12.41
CA HIS A 137 11.61 -22.62 13.70
C HIS A 137 13.06 -22.14 13.59
N GLU A 138 13.51 -21.86 12.37
CA GLU A 138 14.76 -21.12 12.19
C GLU A 138 14.58 -19.68 12.62
N LEU A 139 15.44 -19.21 13.52
CA LEU A 139 15.43 -17.82 13.95
C LEU A 139 16.28 -17.01 12.98
N PHE A 140 15.62 -16.16 12.18
CA PHE A 140 16.31 -15.36 11.16
C PHE A 140 16.78 -14.03 11.73
N ASP A 141 17.99 -13.64 11.37
CA ASP A 141 18.64 -12.43 11.88
C ASP A 141 18.25 -11.25 11.00
N LEU A 142 17.37 -10.39 11.51
CA LEU A 142 16.96 -9.18 10.80
C LEU A 142 18.00 -8.07 10.88
N ALA A 143 19.12 -8.29 11.56
CA ALA A 143 20.15 -7.27 11.63
C ALA A 143 21.02 -7.21 10.38
N ARG A 144 20.73 -8.03 9.37
CA ARG A 144 21.46 -7.93 8.11
C ARG A 144 21.21 -6.57 7.47
N LYS A 145 22.24 -6.03 6.81
CA LYS A 145 22.10 -4.75 6.14
C LYS A 145 21.06 -4.83 5.04
N GLY A 146 20.21 -3.81 4.97
CA GLY A 146 19.14 -3.75 4.01
C GLY A 146 17.79 -4.09 4.65
N VAL A 147 16.74 -3.79 3.90
CA VAL A 147 15.38 -4.06 4.34
C VAL A 147 15.00 -5.47 3.87
N GLU A 148 14.65 -6.33 4.82
CA GLU A 148 14.41 -7.73 4.53
C GLU A 148 13.03 -7.90 3.89
N HIS A 149 12.98 -8.61 2.77
CA HIS A 149 11.74 -8.84 2.04
C HIS A 149 11.42 -10.33 2.10
N PHE A 150 10.30 -10.66 2.72
CA PHE A 150 9.87 -12.04 2.89
C PHE A 150 8.59 -12.24 2.10
N GLN A 151 8.45 -13.42 1.49
CA GLN A 151 7.26 -13.73 0.70
C GLN A 151 6.91 -15.19 0.89
N THR A 152 5.61 -15.47 1.00
CA THR A 152 5.11 -16.81 1.29
C THR A 152 4.73 -17.54 0.02
N VAL A 153 5.07 -18.82 -0.04
CA VAL A 153 4.78 -19.68 -1.18
C VAL A 153 3.96 -20.87 -0.71
N LYS A 154 2.88 -21.16 -1.42
CA LYS A 154 2.03 -22.30 -1.11
C LYS A 154 2.82 -23.60 -1.18
N ARG A 155 2.74 -24.40 -0.13
CA ARG A 155 3.43 -25.69 -0.09
C ARG A 155 2.53 -26.76 -0.71
N LYS A 156 2.22 -26.55 -1.99
CA LYS A 156 1.36 -27.42 -2.77
C LYS A 156 2.08 -28.75 -3.02
N ALA A 157 1.51 -29.84 -2.51
CA ALA A 157 2.04 -31.16 -2.83
C ALA A 157 1.46 -31.65 -4.15
N ARG B 10 -7.19 26.39 -23.30
CA ARG B 10 -6.47 25.21 -23.78
C ARG B 10 -5.69 24.52 -22.66
N VAL B 11 -6.11 23.31 -22.32
CA VAL B 11 -5.47 22.52 -21.28
C VAL B 11 -4.56 21.49 -21.97
N ALA B 12 -3.27 21.56 -21.69
CA ALA B 12 -2.31 20.65 -22.31
C ALA B 12 -2.10 19.44 -21.43
N VAL B 13 -2.24 18.25 -22.04
CA VAL B 13 -1.96 16.98 -21.39
C VAL B 13 -1.09 16.14 -22.30
N GLN B 14 -0.13 15.43 -21.72
CA GLN B 14 0.67 14.47 -22.47
C GLN B 14 -0.08 13.15 -22.58
N VAL B 15 -0.25 12.66 -23.81
CA VAL B 15 -0.91 11.39 -24.05
C VAL B 15 0.16 10.39 -24.48
N PHE B 16 0.29 9.31 -23.70
CA PHE B 16 1.29 8.28 -23.93
C PHE B 16 0.66 7.06 -24.58
N ASP B 17 1.46 6.36 -25.38
CA ASP B 17 1.08 5.06 -25.92
C ASP B 17 1.80 3.96 -25.14
N GLU B 18 1.64 2.72 -25.60
CA GLU B 18 2.20 1.58 -24.86
C GLU B 18 3.72 1.62 -24.73
N ASN B 19 4.40 2.37 -25.59
CA ASN B 19 5.85 2.49 -25.51
C ASN B 19 6.30 3.69 -24.69
N LEU B 20 5.35 4.41 -24.10
CA LEU B 20 5.62 5.60 -23.29
C LEU B 20 6.18 6.74 -24.13
N ASN B 21 5.79 6.78 -25.40
CA ASN B 21 6.01 7.94 -26.26
C ASN B 21 4.84 8.89 -26.11
N ALA B 22 5.13 10.17 -25.90
CA ALA B 22 4.11 11.16 -25.59
C ALA B 22 3.71 11.95 -26.83
N LYS B 23 2.49 12.47 -26.78
CA LYS B 23 1.97 13.42 -27.77
C LYS B 23 1.20 14.51 -27.03
N ASP B 24 1.57 15.76 -27.28
CA ASP B 24 0.87 16.87 -26.65
C ASP B 24 -0.53 17.03 -27.23
N VAL B 25 -1.52 17.17 -26.34
CA VAL B 25 -2.91 17.33 -26.73
C VAL B 25 -3.51 18.46 -25.90
N HIS B 26 -4.26 19.35 -26.56
CA HIS B 26 -4.92 20.47 -25.90
C HIS B 26 -6.40 20.15 -25.70
N LEU B 27 -6.90 20.39 -24.49
CA LEU B 27 -8.29 20.14 -24.15
C LEU B 27 -9.02 21.46 -23.89
N THR B 28 -10.25 21.55 -24.39
CA THR B 28 -11.07 22.72 -24.13
C THR B 28 -11.75 22.67 -22.77
N ASP B 29 -11.86 21.48 -22.19
CA ASP B 29 -12.51 21.30 -20.90
C ASP B 29 -11.50 20.71 -19.92
N PRO B 30 -11.22 21.37 -18.79
CA PRO B 30 -10.29 20.79 -17.81
C PRO B 30 -10.82 19.56 -17.10
N VAL B 31 -12.11 19.25 -17.22
CA VAL B 31 -12.68 18.03 -16.67
C VAL B 31 -13.20 17.19 -17.83
N PRO B 32 -12.33 16.50 -18.56
CA PRO B 32 -12.79 15.68 -19.68
C PRO B 32 -13.34 14.34 -19.21
N THR B 33 -14.06 13.69 -20.12
CA THR B 33 -14.44 12.30 -19.97
C THR B 33 -13.43 11.41 -20.67
N GLY B 34 -13.58 10.09 -20.49
CA GLY B 34 -12.73 9.16 -21.19
C GLY B 34 -12.87 9.28 -22.70
N ARG B 35 -14.10 9.48 -23.18
CA ARG B 35 -14.33 9.70 -24.60
C ARG B 35 -13.61 10.95 -25.09
N GLN B 36 -13.75 12.06 -24.37
CA GLN B 36 -13.13 13.31 -24.78
C GLN B 36 -11.62 13.17 -24.94
N ILE B 37 -10.97 12.44 -24.02
CA ILE B 37 -9.54 12.22 -24.13
C ILE B 37 -9.21 11.43 -25.40
N ILE B 38 -9.90 10.29 -25.59
CA ILE B 38 -9.61 9.44 -26.74
C ILE B 38 -9.91 10.18 -28.04
N LYS B 39 -11.04 10.89 -28.09
CA LYS B 39 -11.38 11.66 -29.29
C LYS B 39 -10.31 12.70 -29.61
N ALA B 40 -9.90 13.47 -28.59
CA ALA B 40 -8.86 14.47 -28.80
C ALA B 40 -7.54 13.84 -29.22
N ALA B 41 -7.23 12.65 -28.68
CA ALA B 41 -6.06 11.92 -29.11
C ALA B 41 -6.13 11.47 -30.56
N GLY B 42 -7.30 11.55 -31.19
CA GLY B 42 -7.44 11.15 -32.58
C GLY B 42 -7.39 9.65 -32.74
N LYS B 43 -8.12 8.93 -31.89
CA LYS B 43 -8.17 7.48 -31.92
C LYS B 43 -9.60 7.03 -32.17
N HIS B 44 -9.76 6.04 -33.05
CA HIS B 44 -11.07 5.47 -33.34
C HIS B 44 -10.91 3.99 -33.64
N PRO B 45 -11.93 3.17 -33.36
CA PRO B 45 -13.17 3.49 -32.62
C PRO B 45 -12.89 3.72 -31.13
N VAL B 46 -13.65 4.61 -30.49
CA VAL B 46 -13.40 4.97 -29.10
C VAL B 46 -13.53 3.75 -28.19
N ASP B 47 -14.51 2.88 -28.48
CA ASP B 47 -14.77 1.74 -27.62
C ASP B 47 -13.65 0.72 -27.59
N ASP B 48 -12.64 0.84 -28.47
CA ASP B 48 -11.53 -0.10 -28.54
C ASP B 48 -10.28 0.39 -27.84
N TYR B 49 -10.34 1.51 -27.13
CA TYR B 49 -9.16 2.11 -26.52
C TYR B 49 -9.33 2.24 -25.02
N ALA B 50 -8.26 1.93 -24.29
CA ALA B 50 -8.22 2.13 -22.85
C ALA B 50 -7.55 3.46 -22.55
N VAL B 51 -8.07 4.16 -21.55
CA VAL B 51 -7.51 5.43 -21.11
C VAL B 51 -7.20 5.33 -19.62
N LEU B 52 -5.96 5.66 -19.25
CA LEU B 52 -5.50 5.53 -17.87
C LEU B 52 -4.75 6.80 -17.48
N ALA B 53 -5.34 7.59 -16.59
CA ALA B 53 -4.65 8.75 -16.06
C ALA B 53 -3.39 8.33 -15.33
N TRP B 54 -2.27 8.94 -15.66
CA TRP B 54 -0.98 8.61 -15.06
C TRP B 54 -0.77 9.52 -13.86
N MET B 55 -1.01 8.98 -12.67
CA MET B 55 -1.06 9.79 -11.46
C MET B 55 0.33 10.34 -11.13
N PRO B 56 0.41 11.37 -10.28
CA PRO B 56 1.72 11.92 -9.91
C PRO B 56 2.67 10.92 -9.28
N ASP B 57 2.15 9.92 -8.55
CA ASP B 57 2.97 8.87 -7.98
C ASP B 57 3.24 7.74 -8.95
N ASN B 58 3.09 7.98 -10.25
CA ASN B 58 3.33 7.03 -11.33
C ASN B 58 2.35 5.88 -11.35
N ALA B 59 1.27 5.95 -10.57
CA ALA B 59 0.24 4.92 -10.61
C ALA B 59 -0.69 5.14 -11.81
N LEU B 60 -1.06 4.05 -12.47
CA LEU B 60 -1.96 4.12 -13.61
C LEU B 60 -3.38 3.81 -13.15
N ARG B 61 -4.26 4.81 -13.23
CA ARG B 61 -5.64 4.67 -12.80
C ARG B 61 -6.56 4.60 -14.00
N PRO B 62 -7.21 3.46 -14.27
CA PRO B 62 -8.12 3.39 -15.41
C PRO B 62 -9.33 4.30 -15.23
N LEU B 63 -9.74 4.90 -16.34
CA LEU B 63 -10.92 5.76 -16.39
C LEU B 63 -11.95 5.15 -17.34
N HIS B 64 -13.22 5.37 -17.02
CA HIS B 64 -14.28 4.95 -17.92
C HIS B 64 -14.55 6.04 -18.95
N LEU B 65 -15.13 5.64 -20.09
CA LEU B 65 -15.44 6.59 -21.14
C LEU B 65 -16.43 7.65 -20.66
N ASP B 66 -17.31 7.28 -19.73
CA ASP B 66 -18.30 8.19 -19.18
C ASP B 66 -17.91 8.73 -17.81
N GLU B 67 -16.72 8.40 -17.32
CA GLU B 67 -16.24 8.86 -16.01
C GLU B 67 -15.61 10.23 -16.15
N THR B 68 -16.13 11.20 -15.40
CA THR B 68 -15.53 12.52 -15.35
C THR B 68 -14.29 12.51 -14.47
N PHE B 69 -13.25 13.23 -14.89
CA PHE B 69 -11.99 13.25 -14.16
C PHE B 69 -11.41 14.66 -14.18
N ASP B 70 -11.30 15.27 -13.00
CA ASP B 70 -10.71 16.59 -12.84
C ASP B 70 -9.19 16.44 -12.87
N LEU B 71 -8.58 16.80 -14.00
CA LEU B 71 -7.13 16.71 -14.13
C LEU B 71 -6.43 17.60 -13.11
N ARG B 72 -6.97 18.81 -12.88
CA ARG B 72 -6.31 19.75 -11.99
C ARG B 72 -6.34 19.30 -10.54
N GLN B 73 -7.50 18.85 -10.06
CA GLN B 73 -7.63 18.43 -8.67
C GLN B 73 -6.66 17.31 -8.33
N HIS B 74 -6.56 16.31 -9.19
CA HIS B 74 -5.69 15.17 -8.97
C HIS B 74 -4.25 15.44 -9.38
N GLY B 75 -3.98 16.62 -9.91
CA GLY B 75 -2.63 16.95 -10.36
C GLY B 75 -2.15 16.09 -11.50
N VAL B 76 -3.05 15.66 -12.37
CA VAL B 76 -2.71 14.76 -13.47
C VAL B 76 -2.46 15.58 -14.73
N GLU B 77 -1.28 15.39 -15.32
CA GLU B 77 -0.90 16.01 -16.58
C GLU B 77 -0.50 15.01 -17.64
N ARG B 78 -0.42 13.72 -17.31
CA ARG B 78 -0.07 12.66 -18.23
C ARG B 78 -1.21 11.68 -18.33
N ILE B 79 -1.52 11.23 -19.55
CA ILE B 79 -2.58 10.26 -19.78
C ILE B 79 -2.03 9.18 -20.70
N LEU B 80 -2.46 7.94 -20.49
CA LEU B 80 -2.09 6.82 -21.35
C LEU B 80 -3.32 6.35 -22.11
N VAL B 81 -3.21 6.32 -23.44
CA VAL B 81 -4.24 5.75 -24.31
C VAL B 81 -3.59 4.67 -25.15
N ALA B 82 -4.27 3.53 -25.28
CA ALA B 82 -3.74 2.39 -26.02
C ALA B 82 -4.90 1.50 -26.44
N PRO B 83 -4.81 0.85 -27.60
CA PRO B 83 -5.85 -0.12 -27.96
C PRO B 83 -5.79 -1.34 -27.05
N SER B 84 -6.94 -1.71 -26.49
CA SER B 84 -6.94 -2.78 -25.51
C SER B 84 -8.35 -3.33 -25.35
N ASP B 85 -8.47 -4.66 -25.40
CA ASP B 85 -9.68 -5.37 -25.01
C ASP B 85 -9.51 -6.06 -23.66
N THR B 86 -8.34 -5.95 -23.05
CA THR B 86 -8.03 -6.62 -21.79
C THR B 86 -6.82 -5.94 -21.15
N LEU B 87 -6.89 -5.78 -19.83
CA LEU B 87 -5.83 -5.17 -19.03
C LEU B 87 -5.13 -6.25 -18.20
N TYR B 88 -3.81 -6.16 -18.11
CA TYR B 88 -3.01 -7.15 -17.40
C TYR B 88 -2.47 -6.54 -16.11
N ARG B 89 -2.54 -7.33 -15.04
CA ARG B 89 -2.21 -6.84 -13.69
C ARG B 89 -0.82 -7.31 -13.31
N PHE B 90 -0.03 -6.40 -12.74
CA PHE B 90 1.33 -6.69 -12.34
C PHE B 90 1.78 -5.69 -11.29
N PHE B 91 2.96 -5.95 -10.72
CA PHE B 91 3.55 -5.09 -9.71
C PHE B 91 4.96 -4.72 -10.13
N ILE B 92 5.33 -3.46 -9.93
CA ILE B 92 6.68 -2.97 -10.17
C ILE B 92 7.13 -2.18 -8.95
N ASP B 93 8.14 -2.70 -8.24
CA ASP B 93 8.66 -2.07 -7.03
C ASP B 93 7.58 -1.87 -5.97
N GLY B 94 6.59 -2.77 -5.94
CA GLY B 94 5.52 -2.69 -4.98
C GLY B 94 4.30 -1.89 -5.40
N GLN B 95 4.29 -1.33 -6.61
CA GLN B 95 3.16 -0.53 -7.06
C GLN B 95 2.18 -1.39 -7.84
N ASP B 96 0.91 -1.38 -7.41
CA ASP B 96 -0.15 -2.07 -8.12
C ASP B 96 -0.43 -1.36 -9.44
N GLN B 97 -0.26 -2.08 -10.57
CA GLN B 97 -0.40 -1.49 -11.89
C GLN B 97 -1.25 -2.37 -12.78
N GLU B 98 -1.72 -1.76 -13.88
CA GLU B 98 -2.46 -2.43 -14.94
C GLU B 98 -1.88 -2.02 -16.29
N TRP B 99 -1.68 -2.98 -17.18
CA TRP B 99 -1.12 -2.69 -18.48
C TRP B 99 -2.10 -3.08 -19.58
N PRO B 100 -2.40 -2.17 -20.50
CA PRO B 100 -3.43 -2.45 -21.51
C PRO B 100 -2.96 -3.33 -22.66
N VAL B 101 -1.67 -3.57 -22.81
CA VAL B 101 -1.13 -4.35 -23.92
C VAL B 101 -0.51 -5.62 -23.37
N ARG B 102 -0.62 -6.70 -24.14
CA ARG B 102 -0.13 -7.99 -23.69
C ARG B 102 1.38 -7.98 -23.45
N GLY B 103 2.11 -7.08 -24.11
CA GLY B 103 3.55 -7.02 -24.02
C GLY B 103 4.01 -5.74 -23.32
N ILE B 104 5.13 -5.84 -22.61
CA ILE B 104 5.76 -4.68 -21.98
C ILE B 104 7.26 -4.91 -21.92
N THR B 105 8.02 -3.86 -22.17
CA THR B 105 9.48 -3.92 -22.24
C THR B 105 10.12 -3.46 -20.95
N GLY B 106 11.38 -3.89 -20.76
CA GLY B 106 12.11 -3.55 -19.54
C GLY B 106 12.30 -2.05 -19.34
N VAL B 107 12.53 -1.31 -20.43
CA VAL B 107 12.74 0.13 -20.29
C VAL B 107 11.44 0.82 -19.85
N VAL B 108 10.30 0.34 -20.31
CA VAL B 108 9.02 0.88 -19.86
C VAL B 108 8.81 0.59 -18.38
N LEU B 109 9.10 -0.64 -17.96
CA LEU B 109 9.03 -1.00 -16.56
C LEU B 109 9.94 -0.11 -15.71
N LYS B 110 11.23 -0.08 -16.06
CA LYS B 110 12.16 0.80 -15.34
C LYS B 110 11.71 2.24 -15.37
N THR B 111 10.98 2.64 -16.42
CA THR B 111 10.41 3.98 -16.45
C THR B 111 9.23 4.09 -15.49
N LEU B 112 8.32 3.11 -15.51
CA LEU B 112 7.21 3.09 -14.56
C LEU B 112 7.71 3.16 -13.12
N ALA B 113 8.81 2.45 -12.83
CA ALA B 113 9.38 2.43 -11.49
C ALA B 113 10.00 3.78 -11.10
N GLY B 114 10.14 4.71 -12.05
CA GLY B 114 10.73 6.00 -11.74
C GLY B 114 12.24 5.97 -11.55
N VAL B 115 12.91 4.97 -12.11
CA VAL B 115 14.36 4.85 -12.03
C VAL B 115 14.96 5.22 -13.38
N ASP B 116 16.26 5.47 -13.38
CA ASP B 116 16.99 5.71 -14.62
C ASP B 116 17.18 4.40 -15.37
N PRO B 117 16.52 4.17 -16.50
CA PRO B 117 16.58 2.86 -17.16
C PRO B 117 17.99 2.38 -17.45
N ALA B 118 18.92 3.30 -17.71
CA ALA B 118 20.30 2.89 -17.98
C ALA B 118 20.99 2.37 -16.73
N ALA B 119 20.64 2.88 -15.56
CA ALA B 119 21.36 2.59 -14.32
C ALA B 119 20.76 1.44 -13.53
N PHE B 120 19.69 0.80 -14.01
CA PHE B 120 19.01 -0.22 -13.23
C PHE B 120 18.71 -1.43 -14.10
N GLU B 121 18.51 -2.57 -13.42
CA GLU B 121 18.02 -3.78 -14.05
C GLU B 121 16.67 -4.13 -13.44
N VAL B 122 15.78 -4.68 -14.26
CA VAL B 122 14.47 -5.13 -13.81
C VAL B 122 14.40 -6.66 -13.95
N PHE B 123 13.88 -7.31 -12.92
CA PHE B 123 13.71 -8.75 -12.89
C PHE B 123 12.25 -9.09 -12.64
N LEU B 124 11.79 -10.18 -13.25
CA LEU B 124 10.56 -10.83 -12.80
C LEU B 124 10.92 -11.65 -11.57
N VAL B 125 10.49 -11.18 -10.40
CA VAL B 125 10.84 -11.82 -9.13
C VAL B 125 9.99 -13.06 -8.94
N ILE B 126 10.63 -14.22 -8.82
CA ILE B 126 9.96 -15.47 -8.53
C ILE B 126 10.40 -15.93 -7.14
N PRO B 127 9.50 -15.96 -6.16
CA PRO B 127 9.89 -16.43 -4.81
C PRO B 127 10.25 -17.90 -4.84
N GLY B 128 11.43 -18.23 -4.32
CA GLY B 128 11.93 -19.58 -4.26
C GLY B 128 12.55 -20.11 -5.53
N ASP B 129 12.37 -19.44 -6.66
CA ASP B 129 13.02 -19.81 -7.91
C ASP B 129 13.88 -18.64 -8.38
N ASP B 130 14.64 -18.89 -9.43
CA ASP B 130 15.52 -17.87 -9.98
C ASP B 130 14.71 -16.81 -10.70
N ASP B 131 15.14 -15.55 -10.55
CA ASP B 131 14.45 -14.43 -11.16
C ASP B 131 14.83 -14.29 -12.62
N ILE B 132 13.88 -13.86 -13.44
CA ILE B 132 14.09 -13.69 -14.88
C ILE B 132 14.26 -12.20 -15.15
N ARG B 133 15.42 -11.85 -15.70
CA ARG B 133 15.72 -10.45 -16.01
C ARG B 133 15.06 -10.06 -17.32
N VAL B 134 14.40 -8.90 -17.31
CA VAL B 134 13.74 -8.36 -18.50
C VAL B 134 14.67 -7.33 -19.11
N GLU B 135 15.12 -7.61 -20.33
CA GLU B 135 16.04 -6.72 -21.01
C GLU B 135 15.31 -5.42 -21.38
N ASP B 136 16.07 -4.34 -21.53
CA ASP B 136 15.48 -3.03 -21.82
C ASP B 136 14.45 -3.09 -22.94
N HIS B 137 14.80 -3.74 -24.05
CA HIS B 137 13.92 -3.81 -25.21
C HIS B 137 13.34 -5.20 -25.44
N GLU B 138 13.53 -6.12 -24.50
CA GLU B 138 12.78 -7.37 -24.51
C GLU B 138 11.32 -7.09 -24.19
N LEU B 139 10.43 -7.57 -25.05
CA LEU B 139 9.00 -7.44 -24.82
C LEU B 139 8.54 -8.59 -23.94
N PHE B 140 8.16 -8.30 -22.70
CA PHE B 140 7.75 -9.33 -21.76
C PHE B 140 6.26 -9.59 -21.91
N ASP B 141 5.90 -10.87 -21.93
CA ASP B 141 4.52 -11.30 -22.14
C ASP B 141 3.80 -11.32 -20.80
N LEU B 142 2.91 -10.35 -20.59
CA LEU B 142 2.12 -10.30 -19.37
C LEU B 142 0.95 -11.29 -19.39
N ALA B 143 0.78 -12.03 -20.47
CA ALA B 143 -0.28 -13.03 -20.54
C ALA B 143 0.10 -14.31 -19.83
N ARG B 144 1.28 -14.37 -19.22
CA ARG B 144 1.66 -15.52 -18.42
C ARG B 144 0.70 -15.69 -17.25
N LYS B 145 0.46 -16.95 -16.89
CA LYS B 145 -0.38 -17.25 -15.74
C LYS B 145 0.22 -16.64 -14.47
N GLY B 146 -0.63 -16.01 -13.68
CA GLY B 146 -0.21 -15.38 -12.44
C GLY B 146 -0.02 -13.89 -12.59
N VAL B 147 0.13 -13.23 -11.44
CA VAL B 147 0.38 -11.80 -11.38
C VAL B 147 1.88 -11.59 -11.40
N GLU B 148 2.36 -10.83 -12.40
CA GLU B 148 3.79 -10.65 -12.61
C GLU B 148 4.34 -9.67 -11.59
N HIS B 149 5.43 -10.04 -10.94
CA HIS B 149 6.05 -9.22 -9.90
C HIS B 149 7.41 -8.75 -10.39
N PHE B 150 7.57 -7.44 -10.56
CA PHE B 150 8.80 -6.86 -11.10
C PHE B 150 9.48 -5.98 -10.05
N GLN B 151 10.81 -6.01 -10.04
CA GLN B 151 11.59 -5.21 -9.11
C GLN B 151 12.88 -4.75 -9.79
N THR B 152 13.26 -3.51 -9.52
CA THR B 152 14.44 -2.88 -10.13
C THR B 152 15.65 -3.01 -9.22
N VAL B 153 16.80 -3.30 -9.82
CA VAL B 153 18.06 -3.52 -9.11
C VAL B 153 19.12 -2.55 -9.64
N LYS B 154 19.86 -1.91 -8.73
CA LYS B 154 20.93 -1.00 -9.12
C LYS B 154 21.99 -1.70 -9.96
N ARG B 155 22.28 -1.15 -11.14
CA ARG B 155 23.30 -1.70 -12.04
C ARG B 155 24.66 -1.07 -11.78
N LYS B 156 25.49 -1.74 -10.99
CA LYS B 156 26.81 -1.24 -10.69
C LYS B 156 27.64 -1.35 -11.97
N ASP C 9 -15.57 3.74 14.02
CA ASP C 9 -16.61 3.80 13.01
C ASP C 9 -16.69 2.51 12.21
N ARG C 10 -17.63 1.63 12.59
CA ARG C 10 -17.81 0.35 11.89
C ARG C 10 -18.61 0.59 10.63
N VAL C 11 -17.95 0.41 9.48
CA VAL C 11 -18.57 0.60 8.18
C VAL C 11 -18.87 -0.77 7.57
N ALA C 12 -20.13 -1.04 7.28
CA ALA C 12 -20.53 -2.29 6.67
C ALA C 12 -20.54 -2.13 5.15
N VAL C 13 -19.88 -3.06 4.46
CA VAL C 13 -19.87 -3.09 3.01
C VAL C 13 -20.18 -4.51 2.54
N GLN C 14 -20.96 -4.62 1.48
CA GLN C 14 -21.19 -5.91 0.84
C GLN C 14 -20.04 -6.20 -0.12
N VAL C 15 -19.40 -7.36 0.04
CA VAL C 15 -18.32 -7.78 -0.82
C VAL C 15 -18.84 -8.89 -1.72
N PHE C 16 -18.79 -8.64 -3.03
CA PHE C 16 -19.28 -9.58 -4.02
C PHE C 16 -18.10 -10.30 -4.66
N ASP C 17 -18.33 -11.54 -5.08
CA ASP C 17 -17.37 -12.28 -5.85
C ASP C 17 -17.80 -12.30 -7.32
N GLU C 18 -17.06 -13.06 -8.14
CA GLU C 18 -17.32 -13.10 -9.57
C GLU C 18 -18.70 -13.64 -9.87
N ASN C 19 -19.30 -14.38 -8.95
CA ASN C 19 -20.63 -14.93 -9.11
C ASN C 19 -21.69 -14.05 -8.47
N LEU C 20 -21.30 -12.90 -7.90
CA LEU C 20 -22.19 -11.97 -7.23
C LEU C 20 -22.78 -12.56 -5.96
N ASN C 21 -22.03 -13.42 -5.28
CA ASN C 21 -22.36 -13.86 -3.94
C ASN C 21 -21.80 -12.84 -2.94
N ALA C 22 -22.64 -12.38 -2.02
CA ALA C 22 -22.27 -11.30 -1.13
C ALA C 22 -21.85 -11.81 0.24
N LYS C 23 -20.96 -11.04 0.88
CA LYS C 23 -20.59 -11.25 2.28
C LYS C 23 -20.40 -9.89 2.95
N ASP C 24 -21.09 -9.69 4.08
CA ASP C 24 -20.95 -8.46 4.83
C ASP C 24 -19.60 -8.38 5.53
N VAL C 25 -18.98 -7.20 5.46
CA VAL C 25 -17.68 -6.93 6.08
C VAL C 25 -17.79 -5.62 6.84
N HIS C 26 -17.30 -5.61 8.08
CA HIS C 26 -17.28 -4.40 8.90
C HIS C 26 -15.87 -3.81 8.86
N LEU C 27 -15.78 -2.51 8.59
CA LEU C 27 -14.51 -1.82 8.50
C LEU C 27 -14.38 -0.82 9.64
N THR C 28 -13.19 -0.75 10.23
CA THR C 28 -12.93 0.22 11.28
C THR C 28 -12.66 1.62 10.75
N ASP C 29 -12.30 1.74 9.48
CA ASP C 29 -11.97 3.02 8.87
C ASP C 29 -12.92 3.26 7.70
N PRO C 30 -13.68 4.36 7.68
CA PRO C 30 -14.54 4.63 6.51
C PRO C 30 -13.79 4.95 5.24
N VAL C 31 -12.48 5.21 5.31
CA VAL C 31 -11.67 5.43 4.11
C VAL C 31 -10.60 4.33 4.05
N PRO C 32 -10.96 3.11 3.66
CA PRO C 32 -9.97 2.04 3.58
C PRO C 32 -9.17 2.11 2.29
N THR C 33 -8.07 1.36 2.27
CA THR C 33 -7.35 1.11 1.03
C THR C 33 -7.83 -0.21 0.42
N GLY C 34 -7.39 -0.46 -0.82
CA GLY C 34 -7.71 -1.72 -1.47
C GLY C 34 -7.13 -2.90 -0.70
N ARG C 35 -5.90 -2.73 -0.19
CA ARG C 35 -5.27 -3.76 0.62
C ARG C 35 -6.11 -4.07 1.86
N GLN C 36 -6.54 -3.04 2.58
CA GLN C 36 -7.35 -3.22 3.77
C GLN C 36 -8.66 -3.94 3.45
N ILE C 37 -9.30 -3.60 2.33
CA ILE C 37 -10.53 -4.26 1.94
C ILE C 37 -10.30 -5.74 1.72
N ILE C 38 -9.28 -6.09 0.91
CA ILE C 38 -9.02 -7.48 0.60
C ILE C 38 -8.69 -8.27 1.87
N LYS C 39 -7.88 -7.68 2.76
CA LYS C 39 -7.57 -8.32 4.03
C LYS C 39 -8.83 -8.55 4.85
N ALA C 40 -9.69 -7.52 4.96
CA ALA C 40 -10.91 -7.64 5.74
C ALA C 40 -11.85 -8.70 5.17
N ALA C 41 -11.89 -8.82 3.84
CA ALA C 41 -12.67 -9.88 3.20
C ALA C 41 -12.15 -11.26 3.52
N GLY C 42 -10.98 -11.38 4.15
CA GLY C 42 -10.40 -12.66 4.47
C GLY C 42 -9.85 -13.37 3.26
N LYS C 43 -9.12 -12.62 2.43
CA LYS C 43 -8.52 -13.14 1.21
C LYS C 43 -7.02 -12.97 1.26
N HIS C 44 -6.28 -14.01 0.90
CA HIS C 44 -4.85 -13.93 0.76
C HIS C 44 -4.44 -14.88 -0.36
N PRO C 45 -3.31 -14.62 -1.04
CA PRO C 45 -2.46 -13.41 -0.95
C PRO C 45 -3.16 -12.19 -1.54
N VAL C 46 -2.89 -11.03 -0.95
CA VAL C 46 -3.55 -9.79 -1.38
C VAL C 46 -3.19 -9.46 -2.83
N ASP C 47 -1.95 -9.75 -3.22
CA ASP C 47 -1.46 -9.37 -4.53
C ASP C 47 -2.13 -10.13 -5.67
N ASP C 48 -2.91 -11.17 -5.38
CA ASP C 48 -3.59 -11.95 -6.41
C ASP C 48 -5.06 -11.58 -6.55
N TYR C 49 -5.52 -10.54 -5.87
CA TYR C 49 -6.93 -10.18 -5.85
C TYR C 49 -7.13 -8.78 -6.38
N ALA C 50 -8.14 -8.62 -7.24
CA ALA C 50 -8.56 -7.32 -7.72
C ALA C 50 -9.74 -6.84 -6.88
N VAL C 51 -9.77 -5.55 -6.60
CA VAL C 51 -10.87 -4.94 -5.85
C VAL C 51 -11.43 -3.80 -6.70
N LEU C 52 -12.76 -3.82 -6.88
CA LEU C 52 -13.45 -2.84 -7.74
C LEU C 52 -14.67 -2.33 -7.00
N ALA C 53 -14.62 -1.07 -6.57
CA ALA C 53 -15.77 -0.44 -5.96
C ALA C 53 -16.94 -0.40 -6.94
N TRP C 54 -18.10 -0.85 -6.49
CA TRP C 54 -19.29 -0.90 -7.32
C TRP C 54 -20.06 0.41 -7.14
N MET C 55 -19.93 1.31 -8.11
CA MET C 55 -20.47 2.65 -7.96
C MET C 55 -21.99 2.64 -7.96
N PRO C 56 -22.61 3.73 -7.49
CA PRO C 56 -24.08 3.79 -7.48
C PRO C 56 -24.71 3.64 -8.85
N ASP C 57 -24.04 4.11 -9.91
CA ASP C 57 -24.54 3.93 -11.27
C ASP C 57 -24.12 2.58 -11.86
N ASN C 58 -23.75 1.63 -11.00
CA ASN C 58 -23.37 0.25 -11.33
C ASN C 58 -22.07 0.15 -12.13
N ALA C 59 -21.29 1.22 -12.23
CA ALA C 59 -20.00 1.15 -12.89
C ALA C 59 -18.97 0.54 -11.94
N LEU C 60 -18.12 -0.34 -12.48
CA LEU C 60 -17.08 -1.00 -11.69
C LEU C 60 -15.77 -0.23 -11.85
N ARG C 61 -15.31 0.37 -10.76
CA ARG C 61 -14.08 1.15 -10.73
C ARG C 61 -12.99 0.37 -10.01
N PRO C 62 -11.94 -0.06 -10.70
CA PRO C 62 -10.87 -0.81 -10.03
C PRO C 62 -10.16 0.07 -9.00
N LEU C 63 -9.79 -0.55 -7.88
CA LEU C 63 -9.04 0.12 -6.83
C LEU C 63 -7.68 -0.56 -6.67
N HIS C 64 -6.66 0.24 -6.38
CA HIS C 64 -5.34 -0.28 -6.08
C HIS C 64 -5.20 -0.55 -4.59
N LEU C 65 -4.23 -1.40 -4.25
CA LEU C 65 -4.01 -1.78 -2.86
C LEU C 65 -3.69 -0.58 -1.98
N ASP C 66 -3.05 0.44 -2.53
CA ASP C 66 -2.68 1.64 -1.80
C ASP C 66 -3.61 2.83 -2.05
N GLU C 67 -4.66 2.64 -2.85
CA GLU C 67 -5.55 3.74 -3.21
C GLU C 67 -6.62 3.93 -2.13
N THR C 68 -6.66 5.12 -1.55
CA THR C 68 -7.69 5.45 -0.56
C THR C 68 -9.01 5.75 -1.25
N PHE C 69 -10.10 5.29 -0.63
CA PHE C 69 -11.44 5.44 -1.20
C PHE C 69 -12.41 5.77 -0.07
N ASP C 70 -12.97 6.96 -0.10
CA ASP C 70 -13.96 7.38 0.89
C ASP C 70 -15.30 6.79 0.48
N LEU C 71 -15.72 5.73 1.17
CA LEU C 71 -16.98 5.08 0.84
C LEU C 71 -18.16 6.04 1.03
N ARG C 72 -18.12 6.85 2.07
CA ARG C 72 -19.22 7.77 2.37
C ARG C 72 -19.33 8.84 1.29
N GLN C 73 -18.19 9.44 0.92
CA GLN C 73 -18.18 10.49 -0.10
C GLN C 73 -18.72 9.98 -1.43
N HIS C 74 -18.24 8.82 -1.87
CA HIS C 74 -18.65 8.26 -3.15
C HIS C 74 -19.97 7.50 -3.09
N GLY C 75 -20.56 7.37 -1.90
CA GLY C 75 -21.81 6.65 -1.76
C GLY C 75 -21.72 5.19 -2.13
N VAL C 76 -20.55 4.57 -1.93
CA VAL C 76 -20.33 3.18 -2.31
C VAL C 76 -20.51 2.30 -1.07
N GLU C 77 -21.40 1.31 -1.18
CA GLU C 77 -21.64 0.33 -0.13
C GLU C 77 -21.40 -1.10 -0.59
N ARG C 78 -21.14 -1.30 -1.88
CA ARG C 78 -20.88 -2.61 -2.46
C ARG C 78 -19.47 -2.62 -3.03
N ILE C 79 -18.75 -3.71 -2.78
CA ILE C 79 -17.39 -3.87 -3.28
C ILE C 79 -17.28 -5.24 -3.94
N LEU C 80 -16.49 -5.32 -5.00
CA LEU C 80 -16.22 -6.57 -5.67
C LEU C 80 -14.76 -6.96 -5.44
N VAL C 81 -14.55 -8.15 -4.90
CA VAL C 81 -13.23 -8.74 -4.76
C VAL C 81 -13.25 -10.09 -5.46
N ALA C 82 -12.19 -10.37 -6.23
CA ALA C 82 -12.12 -11.61 -6.99
C ALA C 82 -10.66 -11.92 -7.30
N PRO C 83 -10.29 -13.19 -7.36
CA PRO C 83 -8.92 -13.53 -7.79
C PRO C 83 -8.74 -13.19 -9.26
N SER C 84 -7.66 -12.47 -9.56
CA SER C 84 -7.49 -11.97 -10.93
C SER C 84 -6.04 -11.61 -11.17
N ASP C 85 -5.49 -12.10 -12.28
CA ASP C 85 -4.22 -11.63 -12.81
C ASP C 85 -4.40 -10.77 -14.05
N THR C 86 -5.64 -10.56 -14.49
CA THR C 86 -5.94 -9.82 -15.71
C THR C 86 -7.42 -9.42 -15.72
N LEU C 87 -7.69 -8.20 -16.15
CA LEU C 87 -9.04 -7.65 -16.24
C LEU C 87 -9.47 -7.59 -17.70
N TYR C 88 -10.73 -7.94 -17.96
CA TYR C 88 -11.27 -7.97 -19.30
C TYR C 88 -12.24 -6.83 -19.51
N ARG C 89 -12.17 -6.21 -20.68
CA ARG C 89 -12.92 -4.99 -20.98
C ARG C 89 -14.14 -5.35 -21.82
N PHE C 90 -15.29 -4.79 -21.44
CA PHE C 90 -16.54 -5.08 -22.14
C PHE C 90 -17.53 -3.96 -21.89
N PHE C 91 -18.65 -4.03 -22.61
CA PHE C 91 -19.72 -3.05 -22.51
C PHE C 91 -21.02 -3.76 -22.22
N ILE C 92 -21.83 -3.18 -21.33
CA ILE C 92 -23.18 -3.66 -21.08
C ILE C 92 -24.14 -2.48 -21.14
N ASP C 93 -25.02 -2.49 -22.14
CA ASP C 93 -25.99 -1.42 -22.35
C ASP C 93 -25.31 -0.07 -22.47
N GLY C 94 -24.09 -0.06 -23.01
CA GLY C 94 -23.35 1.16 -23.19
C GLY C 94 -22.45 1.56 -22.04
N GLN C 95 -22.38 0.77 -20.98
CA GLN C 95 -21.56 1.10 -19.82
C GLN C 95 -20.16 0.49 -19.95
N ASP C 96 -19.15 1.35 -19.82
CA ASP C 96 -17.76 0.89 -19.81
C ASP C 96 -17.49 0.11 -18.53
N GLN C 97 -17.12 -1.16 -18.67
CA GLN C 97 -16.93 -2.04 -17.52
C GLN C 97 -15.64 -2.85 -17.65
N GLU C 98 -15.21 -3.39 -16.52
CA GLU C 98 -14.07 -4.29 -16.43
C GLU C 98 -14.45 -5.49 -15.57
N TRP C 99 -14.09 -6.68 -16.01
CA TRP C 99 -14.40 -7.90 -15.29
C TRP C 99 -13.12 -8.63 -14.92
N PRO C 100 -12.94 -9.00 -13.64
CA PRO C 100 -11.67 -9.60 -13.22
C PRO C 100 -11.51 -11.06 -13.58
N VAL C 101 -12.57 -11.73 -14.01
CA VAL C 101 -12.52 -13.15 -14.34
C VAL C 101 -12.79 -13.34 -15.82
N ARG C 102 -12.15 -14.36 -16.40
CA ARG C 102 -12.30 -14.64 -17.81
C ARG C 102 -13.74 -14.95 -18.19
N GLY C 103 -14.55 -15.42 -17.24
CA GLY C 103 -15.92 -15.81 -17.50
C GLY C 103 -16.91 -14.89 -16.81
N ILE C 104 -18.07 -14.73 -17.45
CA ILE C 104 -19.18 -13.98 -16.88
C ILE C 104 -20.48 -14.60 -17.37
N THR C 105 -21.47 -14.68 -16.50
CA THR C 105 -22.72 -15.35 -16.85
C THR C 105 -23.78 -14.33 -17.24
N GLY C 106 -24.78 -14.80 -17.99
CA GLY C 106 -25.84 -13.92 -18.44
C GLY C 106 -26.58 -13.25 -17.30
N VAL C 107 -26.76 -13.97 -16.19
CA VAL C 107 -27.45 -13.39 -15.05
C VAL C 107 -26.63 -12.27 -14.44
N VAL C 108 -25.30 -12.41 -14.42
CA VAL C 108 -24.44 -11.33 -13.93
C VAL C 108 -24.50 -10.12 -14.86
N LEU C 109 -24.44 -10.37 -16.18
CA LEU C 109 -24.55 -9.28 -17.14
C LEU C 109 -25.86 -8.51 -16.97
N LYS C 110 -26.99 -9.22 -17.03
CA LYS C 110 -28.28 -8.57 -16.82
C LYS C 110 -28.37 -7.91 -15.46
N THR C 111 -27.63 -8.41 -14.47
CA THR C 111 -27.57 -7.75 -13.16
C THR C 111 -26.75 -6.47 -13.25
N LEU C 112 -25.58 -6.53 -13.88
CA LEU C 112 -24.79 -5.33 -14.09
C LEU C 112 -25.60 -4.27 -14.84
N ALA C 113 -26.41 -4.70 -15.81
CA ALA C 113 -27.26 -3.77 -16.56
C ALA C 113 -28.37 -3.19 -15.71
N GLY C 114 -28.60 -3.71 -14.51
CA GLY C 114 -29.66 -3.18 -13.66
C GLY C 114 -31.06 -3.59 -14.05
N VAL C 115 -31.21 -4.72 -14.75
CA VAL C 115 -32.52 -5.21 -15.14
C VAL C 115 -32.87 -6.42 -14.28
N ASP C 116 -34.15 -6.77 -14.27
CA ASP C 116 -34.60 -8.01 -13.66
C ASP C 116 -34.28 -9.16 -14.61
N PRO C 117 -33.32 -10.01 -14.25
CA PRO C 117 -32.85 -11.05 -15.20
C PRO C 117 -33.94 -11.94 -15.75
N ALA C 118 -35.03 -12.15 -15.00
CA ALA C 118 -36.11 -12.99 -15.50
C ALA C 118 -36.85 -12.35 -16.67
N ALA C 119 -36.98 -11.03 -16.67
CA ALA C 119 -37.79 -10.34 -17.66
C ALA C 119 -37.00 -9.86 -18.87
N PHE C 120 -35.69 -10.11 -18.92
CA PHE C 120 -34.84 -9.60 -19.98
C PHE C 120 -33.95 -10.72 -20.50
N GLU C 121 -33.49 -10.53 -21.74
CA GLU C 121 -32.44 -11.35 -22.33
C GLU C 121 -31.26 -10.47 -22.68
N VAL C 122 -30.06 -11.01 -22.56
CA VAL C 122 -28.84 -10.29 -22.90
C VAL C 122 -28.20 -10.96 -24.10
N PHE C 123 -27.74 -10.14 -25.04
CA PHE C 123 -27.12 -10.60 -26.27
C PHE C 123 -25.73 -10.00 -26.39
N LEU C 124 -24.79 -10.78 -26.94
CA LEU C 124 -23.55 -10.21 -27.44
C LEU C 124 -23.83 -9.59 -28.80
N VAL C 125 -23.83 -8.26 -28.86
CA VAL C 125 -24.17 -7.57 -30.09
C VAL C 125 -22.99 -7.64 -31.05
N ILE C 126 -23.22 -8.19 -32.22
CA ILE C 126 -22.21 -8.26 -33.28
C ILE C 126 -22.64 -7.30 -34.38
N PRO C 127 -21.91 -6.22 -34.62
CA PRO C 127 -22.30 -5.26 -35.66
C PRO C 127 -22.23 -5.91 -37.03
N GLY C 128 -23.34 -5.84 -37.77
CA GLY C 128 -23.44 -6.41 -39.10
C GLY C 128 -23.67 -7.89 -39.15
N ASP C 129 -23.52 -8.60 -38.04
CA ASP C 129 -23.76 -10.04 -37.98
C ASP C 129 -24.89 -10.33 -36.99
N ASP C 130 -25.28 -11.60 -36.95
CA ASP C 130 -26.37 -12.03 -36.07
C ASP C 130 -25.90 -11.97 -34.62
N ASP C 131 -26.80 -11.56 -33.74
CA ASP C 131 -26.46 -11.44 -32.33
C ASP C 131 -26.52 -12.79 -31.63
N ILE C 132 -25.60 -12.98 -30.69
CA ILE C 132 -25.48 -14.22 -29.94
C ILE C 132 -26.08 -14.01 -28.55
N ARG C 133 -27.07 -14.83 -28.21
CA ARG C 133 -27.75 -14.73 -26.92
C ARG C 133 -26.92 -15.39 -25.83
N VAL C 134 -26.78 -14.70 -24.70
CA VAL C 134 -26.07 -15.20 -23.53
C VAL C 134 -27.10 -15.68 -22.52
N GLU C 135 -27.12 -16.98 -22.24
CA GLU C 135 -28.05 -17.53 -21.26
C GLU C 135 -27.67 -17.07 -19.86
N ASP C 136 -28.68 -17.01 -18.98
CA ASP C 136 -28.50 -16.54 -17.62
C ASP C 136 -27.30 -17.21 -16.94
N HIS C 137 -27.20 -18.53 -17.06
CA HIS C 137 -26.15 -19.29 -16.38
C HIS C 137 -25.11 -19.84 -17.34
N GLU C 138 -25.17 -19.45 -18.61
CA GLU C 138 -24.07 -19.72 -19.54
C GLU C 138 -22.85 -18.90 -19.16
N LEU C 139 -21.70 -19.57 -19.02
CA LEU C 139 -20.45 -18.89 -18.72
C LEU C 139 -19.86 -18.37 -20.03
N PHE C 140 -19.88 -17.05 -20.21
CA PHE C 140 -19.41 -16.41 -21.44
C PHE C 140 -17.93 -16.11 -21.34
N ASP C 141 -17.20 -16.39 -22.42
CA ASP C 141 -15.76 -16.21 -22.47
C ASP C 141 -15.45 -14.78 -22.90
N LEU C 142 -15.05 -13.94 -21.95
CA LEU C 142 -14.67 -12.57 -22.26
C LEU C 142 -13.25 -12.45 -22.81
N ALA C 143 -12.52 -13.56 -22.91
CA ALA C 143 -11.18 -13.57 -23.47
C ALA C 143 -11.16 -13.57 -24.99
N ARG C 144 -12.33 -13.53 -25.62
CA ARG C 144 -12.41 -13.46 -27.07
C ARG C 144 -11.74 -12.19 -27.60
N LYS C 145 -11.16 -12.31 -28.79
CA LYS C 145 -10.57 -11.16 -29.44
C LYS C 145 -11.61 -10.08 -29.65
N GLY C 146 -11.27 -8.85 -29.28
CA GLY C 146 -12.18 -7.73 -29.41
C GLY C 146 -12.85 -7.39 -28.08
N VAL C 147 -13.48 -6.22 -28.07
CA VAL C 147 -14.24 -5.75 -26.91
C VAL C 147 -15.68 -6.20 -27.09
N GLU C 148 -16.18 -6.96 -26.12
CA GLU C 148 -17.50 -7.56 -26.21
C GLU C 148 -18.58 -6.53 -25.88
N HIS C 149 -19.59 -6.44 -26.74
CA HIS C 149 -20.68 -5.48 -26.57
C HIS C 149 -21.97 -6.22 -26.27
N PHE C 150 -22.52 -5.97 -25.09
CA PHE C 150 -23.73 -6.65 -24.61
C PHE C 150 -24.86 -5.66 -24.46
N GLN C 151 -26.08 -6.09 -24.80
CA GLN C 151 -27.26 -5.26 -24.68
C GLN C 151 -28.45 -6.11 -24.26
N THR C 152 -29.27 -5.58 -23.37
CA THR C 152 -30.40 -6.31 -22.81
C THR C 152 -31.67 -5.95 -23.58
N VAL C 153 -32.48 -6.97 -23.85
CA VAL C 153 -33.74 -6.83 -24.58
C VAL C 153 -34.85 -7.42 -23.73
N LYS C 154 -35.97 -6.70 -23.64
CA LYS C 154 -37.10 -7.20 -22.86
C LYS C 154 -37.56 -8.55 -23.38
N ARG C 155 -37.64 -9.52 -22.47
CA ARG C 155 -38.09 -10.87 -22.79
C ARG C 155 -39.61 -10.93 -22.65
N LYS C 156 -40.31 -10.84 -23.79
CA LYS C 156 -41.77 -10.91 -23.84
C LYS C 156 -42.36 -11.81 -22.75
N ALA C 157 -42.03 -13.10 -22.75
CA ALA C 157 -42.55 -13.98 -21.71
C ALA C 157 -41.46 -14.37 -20.73
N PRO C 158 -41.47 -13.85 -19.49
CA PRO C 158 -40.50 -14.32 -18.47
C PRO C 158 -40.44 -15.85 -18.39
N ALA C 159 -39.33 -16.41 -18.86
CA ALA C 159 -39.16 -17.86 -19.01
C ALA C 159 -38.41 -18.46 -17.83
N ARG D 10 -4.31 21.31 -2.05
CA ARG D 10 -2.85 21.24 -2.07
C ARG D 10 -2.27 21.53 -0.67
N VAL D 11 -1.66 20.53 -0.07
CA VAL D 11 -1.09 20.63 1.27
C VAL D 11 0.42 20.73 1.18
N ALA D 12 0.97 21.82 1.73
CA ALA D 12 2.42 22.02 1.78
C ALA D 12 2.94 21.49 3.11
N VAL D 13 3.97 20.64 3.05
CA VAL D 13 4.61 20.11 4.25
C VAL D 13 6.13 20.20 4.10
N GLN D 14 6.81 20.50 5.21
CA GLN D 14 8.26 20.43 5.22
C GLN D 14 8.69 19.00 5.45
N VAL D 15 9.57 18.50 4.59
CA VAL D 15 10.11 17.15 4.70
C VAL D 15 11.55 17.27 5.17
N PHE D 16 11.85 16.66 6.30
CA PHE D 16 13.16 16.71 6.92
C PHE D 16 13.93 15.43 6.62
N ASP D 17 15.25 15.55 6.55
CA ASP D 17 16.11 14.39 6.48
C ASP D 17 16.75 14.17 7.86
N GLU D 18 17.65 13.20 7.93
CA GLU D 18 18.26 12.83 9.20
C GLU D 18 19.04 13.97 9.82
N ASN D 19 19.45 14.95 9.03
CA ASN D 19 20.17 16.11 9.55
C ASN D 19 19.23 17.27 9.84
N LEU D 20 17.93 17.06 9.68
CA LEU D 20 16.92 18.09 9.88
C LEU D 20 17.05 19.23 8.88
N ASN D 21 17.55 18.90 7.69
CA ASN D 21 17.48 19.81 6.55
C ASN D 21 16.13 19.60 5.88
N ALA D 22 15.41 20.70 5.66
CA ALA D 22 14.03 20.64 5.19
C ALA D 22 13.92 20.90 3.69
N LYS D 23 12.88 20.33 3.09
CA LYS D 23 12.47 20.63 1.72
C LYS D 23 10.96 20.73 1.70
N ASP D 24 10.45 21.84 1.17
CA ASP D 24 9.01 21.99 1.05
C ASP D 24 8.48 21.05 -0.02
N VAL D 25 7.39 20.36 0.28
CA VAL D 25 6.77 19.42 -0.63
C VAL D 25 5.28 19.70 -0.67
N HIS D 26 4.72 19.76 -1.88
CA HIS D 26 3.30 20.02 -2.06
C HIS D 26 2.59 18.71 -2.36
N LEU D 27 1.50 18.45 -1.64
CA LEU D 27 0.73 17.22 -1.79
C LEU D 27 -0.65 17.52 -2.34
N THR D 28 -1.11 16.66 -3.26
CA THR D 28 -2.46 16.77 -3.80
C THR D 28 -3.51 16.18 -2.86
N ASP D 29 -3.09 15.35 -1.91
CA ASP D 29 -4.01 14.67 -1.00
C ASP D 29 -3.70 15.07 0.44
N PRO D 30 -4.66 15.64 1.17
CA PRO D 30 -4.41 15.95 2.59
C PRO D 30 -4.32 14.72 3.48
N VAL D 31 -4.72 13.55 2.98
CA VAL D 31 -4.57 12.29 3.70
C VAL D 31 -3.67 11.38 2.87
N PRO D 32 -2.36 11.61 2.84
CA PRO D 32 -1.48 10.75 2.07
C PRO D 32 -1.17 9.45 2.79
N THR D 33 -0.63 8.51 2.03
CA THR D 33 -0.03 7.31 2.61
C THR D 33 1.47 7.54 2.79
N GLY D 34 2.11 6.59 3.48
CA GLY D 34 3.56 6.67 3.64
C GLY D 34 4.29 6.63 2.31
N ARG D 35 3.83 5.78 1.39
CA ARG D 35 4.40 5.74 0.05
C ARG D 35 4.25 7.08 -0.66
N GLN D 36 3.04 7.65 -0.62
CA GLN D 36 2.79 8.92 -1.31
C GLN D 36 3.73 10.01 -0.82
N ILE D 37 3.98 10.07 0.49
CA ILE D 37 4.93 11.06 1.02
C ILE D 37 6.33 10.80 0.47
N ILE D 38 6.80 9.55 0.56
CA ILE D 38 8.15 9.23 0.10
C ILE D 38 8.29 9.51 -1.39
N LYS D 39 7.28 9.14 -2.18
CA LYS D 39 7.29 9.44 -3.61
C LYS D 39 7.38 10.94 -3.85
N ALA D 40 6.52 11.72 -3.17
CA ALA D 40 6.53 13.16 -3.37
C ALA D 40 7.85 13.80 -2.93
N ALA D 41 8.45 13.27 -1.85
CA ALA D 41 9.77 13.76 -1.43
C ALA D 41 10.87 13.49 -2.44
N GLY D 42 10.61 12.69 -3.47
CA GLY D 42 11.60 12.37 -4.47
C GLY D 42 12.67 11.41 -3.99
N LYS D 43 12.27 10.36 -3.28
CA LYS D 43 13.18 9.34 -2.78
C LYS D 43 12.74 7.99 -3.33
N HIS D 44 13.71 7.20 -3.80
CA HIS D 44 13.43 5.85 -4.27
C HIS D 44 14.63 4.99 -3.94
N PRO D 45 14.44 3.67 -3.79
CA PRO D 45 13.17 2.91 -3.76
C PRO D 45 12.36 3.19 -2.50
N VAL D 46 11.03 3.13 -2.61
CA VAL D 46 10.17 3.47 -1.48
C VAL D 46 10.41 2.53 -0.31
N ASP D 47 10.68 1.24 -0.59
CA ASP D 47 10.82 0.25 0.46
C ASP D 47 12.07 0.45 1.31
N ASP D 48 13.00 1.32 0.92
CA ASP D 48 14.22 1.55 1.66
C ASP D 48 14.19 2.83 2.50
N TYR D 49 13.04 3.51 2.59
CA TYR D 49 12.94 4.79 3.27
C TYR D 49 11.93 4.71 4.40
N ALA D 50 12.29 5.29 5.55
CA ALA D 50 11.40 5.43 6.69
C ALA D 50 10.76 6.81 6.70
N VAL D 51 9.48 6.86 7.09
CA VAL D 51 8.74 8.11 7.20
C VAL D 51 8.16 8.22 8.60
N LEU D 52 8.38 9.36 9.24
CA LEU D 52 7.96 9.60 10.62
C LEU D 52 7.29 10.97 10.72
N ALA D 53 5.98 10.98 10.93
CA ALA D 53 5.27 12.23 11.16
C ALA D 53 5.79 12.91 12.41
N TRP D 54 6.14 14.18 12.30
CA TRP D 54 6.68 14.96 13.42
C TRP D 54 5.53 15.67 14.12
N MET D 55 5.08 15.11 15.24
CA MET D 55 3.89 15.57 15.92
C MET D 55 4.10 16.96 16.53
N PRO D 56 3.02 17.66 16.88
CA PRO D 56 3.17 19.00 17.49
C PRO D 56 3.96 19.00 18.79
N ASP D 57 3.88 17.93 19.59
CA ASP D 57 4.66 17.82 20.81
C ASP D 57 6.06 17.25 20.57
N ASN D 58 6.54 17.32 19.32
CA ASN D 58 7.87 16.88 18.88
C ASN D 58 8.07 15.39 18.96
N ALA D 59 7.01 14.61 19.17
CA ALA D 59 7.15 13.16 19.13
C ALA D 59 7.16 12.68 17.69
N LEU D 60 8.02 11.72 17.40
CA LEU D 60 8.13 11.16 16.05
C LEU D 60 7.29 9.89 15.99
N ARG D 61 6.22 9.91 15.18
CA ARG D 61 5.32 8.79 15.04
C ARG D 61 5.58 8.09 13.72
N PRO D 62 6.08 6.85 13.73
CA PRO D 62 6.35 6.15 12.47
C PRO D 62 5.07 5.89 11.68
N LEU D 63 5.17 6.01 10.37
CA LEU D 63 4.08 5.71 9.46
C LEU D 63 4.47 4.57 8.55
N HIS D 64 3.49 3.72 8.21
CA HIS D 64 3.70 2.67 7.24
C HIS D 64 3.43 3.18 5.83
N LEU D 65 3.98 2.46 4.85
CA LEU D 65 3.79 2.87 3.46
C LEU D 65 2.33 2.86 3.06
N ASP D 66 1.52 1.99 3.66
CA ASP D 66 0.09 1.92 3.38
C ASP D 66 -0.76 2.59 4.44
N GLU D 67 -0.14 3.20 5.45
CA GLU D 67 -0.90 3.82 6.54
C GLU D 67 -1.32 5.22 6.11
N THR D 68 -2.63 5.45 6.06
CA THR D 68 -3.15 6.78 5.76
C THR D 68 -3.03 7.66 7.00
N PHE D 69 -2.68 8.93 6.78
CA PHE D 69 -2.46 9.86 7.89
C PHE D 69 -3.08 11.20 7.55
N ASP D 70 -4.10 11.60 8.30
CA ASP D 70 -4.74 12.89 8.12
C ASP D 70 -3.85 13.95 8.78
N LEU D 71 -3.10 14.68 7.95
CA LEU D 71 -2.18 15.69 8.48
C LEU D 71 -2.93 16.78 9.24
N ARG D 72 -4.09 17.19 8.73
CA ARG D 72 -4.84 18.28 9.35
C ARG D 72 -5.39 17.87 10.71
N GLN D 73 -5.94 16.66 10.82
CA GLN D 73 -6.48 16.20 12.08
C GLN D 73 -5.43 16.21 13.18
N HIS D 74 -4.24 15.69 12.88
CA HIS D 74 -3.16 15.63 13.86
C HIS D 74 -2.36 16.92 13.93
N GLY D 75 -2.68 17.90 13.09
CA GLY D 75 -1.94 19.14 13.08
C GLY D 75 -0.48 18.96 12.72
N VAL D 76 -0.17 17.98 11.88
CA VAL D 76 1.21 17.67 11.51
C VAL D 76 1.52 18.38 10.20
N GLU D 77 2.57 19.19 10.22
CA GLU D 77 3.04 19.91 9.05
C GLU D 77 4.49 19.60 8.71
N ARG D 78 5.17 18.84 9.56
CA ARG D 78 6.56 18.45 9.37
C ARG D 78 6.63 16.93 9.27
N ILE D 79 7.44 16.44 8.33
CA ILE D 79 7.64 15.01 8.15
C ILE D 79 9.13 14.75 8.05
N LEU D 80 9.56 13.61 8.60
CA LEU D 80 10.95 13.17 8.53
C LEU D 80 11.01 11.96 7.61
N VAL D 81 11.85 12.05 6.57
CA VAL D 81 12.11 10.92 5.69
C VAL D 81 13.60 10.65 5.67
N ALA D 82 13.97 9.38 5.76
CA ALA D 82 15.38 9.00 5.80
C ALA D 82 15.50 7.55 5.38
N PRO D 83 16.58 7.18 4.69
CA PRO D 83 16.82 5.76 4.38
C PRO D 83 17.15 4.99 5.65
N SER D 84 16.48 3.86 5.84
CA SER D 84 16.63 3.13 7.09
C SER D 84 16.19 1.69 6.91
N ASP D 85 17.04 0.76 7.36
CA ASP D 85 16.68 -0.65 7.52
C ASP D 85 16.45 -1.02 8.97
N THR D 86 16.59 -0.05 9.88
CA THR D 86 16.46 -0.29 11.31
C THR D 86 16.27 1.05 12.02
N LEU D 87 15.36 1.06 12.99
CA LEU D 87 15.07 2.23 13.81
C LEU D 87 15.66 2.02 15.20
N TYR D 88 16.25 3.07 15.75
CA TYR D 88 16.92 2.99 17.03
C TYR D 88 16.11 3.75 18.07
N ARG D 89 15.99 3.18 19.26
CA ARG D 89 15.10 3.69 20.29
C ARG D 89 15.90 4.47 21.32
N PHE D 90 15.39 5.65 21.70
CA PHE D 90 16.07 6.50 22.65
C PHE D 90 15.05 7.46 23.27
N PHE D 91 15.51 8.18 24.27
CA PHE D 91 14.71 9.16 24.98
C PHE D 91 15.43 10.50 24.96
N ILE D 92 14.69 11.57 24.76
CA ILE D 92 15.23 12.92 24.88
C ILE D 92 14.32 13.73 25.79
N ASP D 93 14.84 14.08 26.97
CA ASP D 93 14.10 14.79 28.00
C ASP D 93 12.84 14.01 28.38
N GLY D 94 12.91 12.68 28.32
CA GLY D 94 11.81 11.83 28.70
C GLY D 94 10.85 11.45 27.60
N GLN D 95 11.10 11.86 26.35
CA GLN D 95 10.19 11.57 25.25
C GLN D 95 10.60 10.28 24.54
N ASP D 96 9.66 9.35 24.41
CA ASP D 96 9.90 8.14 23.65
C ASP D 96 10.04 8.51 22.17
N GLN D 97 11.20 8.24 21.59
CA GLN D 97 11.50 8.63 20.23
C GLN D 97 12.13 7.44 19.48
N GLU D 98 12.11 7.54 18.16
CA GLU D 98 12.75 6.57 17.27
C GLU D 98 13.54 7.33 16.21
N TRP D 99 14.77 6.88 15.96
CA TRP D 99 15.62 7.53 14.99
C TRP D 99 15.96 6.56 13.87
N PRO D 100 15.76 6.94 12.61
CA PRO D 100 15.96 5.99 11.51
C PRO D 100 17.43 5.77 11.14
N VAL D 101 18.34 6.59 11.62
CA VAL D 101 19.74 6.48 11.28
C VAL D 101 20.55 6.12 12.52
N ARG D 102 21.61 5.34 12.30
CA ARG D 102 22.45 4.86 13.38
C ARG D 102 23.09 6.00 14.16
N GLY D 103 23.28 7.16 13.54
CA GLY D 103 23.92 8.30 14.16
C GLY D 103 22.95 9.45 14.38
N ILE D 104 23.22 10.22 15.44
CA ILE D 104 22.46 11.44 15.73
C ILE D 104 23.38 12.42 16.44
N THR D 105 23.24 13.70 16.12
CA THR D 105 24.12 14.73 16.65
C THR D 105 23.48 15.45 17.83
N GLY D 106 24.33 16.08 18.64
CA GLY D 106 23.84 16.82 19.79
C GLY D 106 22.90 17.94 19.42
N VAL D 107 23.17 18.62 18.30
CA VAL D 107 22.31 19.72 17.88
C VAL D 107 20.94 19.21 17.46
N VAL D 108 20.89 18.04 16.82
CA VAL D 108 19.61 17.42 16.48
C VAL D 108 18.86 17.02 17.74
N LEU D 109 19.57 16.41 18.70
CA LEU D 109 18.95 16.06 19.98
C LEU D 109 18.38 17.29 20.67
N LYS D 110 19.22 18.32 20.86
CA LYS D 110 18.74 19.57 21.45
C LYS D 110 17.60 20.17 20.64
N THR D 111 17.56 19.90 19.34
CA THR D 111 16.42 20.33 18.53
C THR D 111 15.19 19.49 18.86
N LEU D 112 15.35 18.17 18.90
CA LEU D 112 14.25 17.30 19.31
C LEU D 112 13.74 17.68 20.69
N ALA D 113 14.66 18.06 21.60
CA ALA D 113 14.25 18.45 22.95
C ALA D 113 13.46 19.75 22.97
N GLY D 114 13.41 20.47 21.85
CA GLY D 114 12.68 21.73 21.82
C GLY D 114 13.37 22.86 22.52
N VAL D 115 14.69 22.78 22.66
CA VAL D 115 15.47 23.82 23.32
C VAL D 115 16.26 24.59 22.26
N ASP D 116 16.74 25.76 22.66
CA ASP D 116 17.66 26.52 21.81
C ASP D 116 19.03 25.87 21.91
N PRO D 117 19.50 25.21 20.85
CA PRO D 117 20.75 24.44 20.95
C PRO D 117 21.94 25.25 21.46
N ALA D 118 21.97 26.55 21.20
CA ALA D 118 23.07 27.38 21.68
C ALA D 118 23.05 27.54 23.20
N ALA D 119 21.86 27.56 23.79
CA ALA D 119 21.72 27.86 25.21
C ALA D 119 21.68 26.62 26.09
N PHE D 120 21.82 25.43 25.52
CA PHE D 120 21.66 24.19 26.27
C PHE D 120 22.81 23.24 25.97
N GLU D 121 23.04 22.32 26.91
CA GLU D 121 23.92 21.19 26.71
C GLU D 121 23.11 19.91 26.85
N VAL D 122 23.45 18.90 26.06
CA VAL D 122 22.78 17.60 26.10
C VAL D 122 23.77 16.56 26.58
N PHE D 123 23.31 15.69 27.49
CA PHE D 123 24.12 14.62 28.04
C PHE D 123 23.42 13.29 27.81
N LEU D 124 24.20 12.26 27.53
CA LEU D 124 23.71 10.89 27.65
C LEU D 124 23.77 10.51 29.13
N VAL D 125 22.60 10.42 29.76
CA VAL D 125 22.53 10.18 31.20
C VAL D 125 22.79 8.70 31.46
N ILE D 126 23.83 8.42 32.25
CA ILE D 126 24.16 7.08 32.69
C ILE D 126 23.93 7.02 34.20
N PRO D 127 22.96 6.24 34.68
CA PRO D 127 22.69 6.19 36.12
C PRO D 127 23.86 5.57 36.88
N GLY D 128 24.34 6.29 37.90
CA GLY D 128 25.42 5.86 38.75
C GLY D 128 26.81 6.01 38.18
N ASP D 129 26.95 6.28 36.89
CA ASP D 129 28.24 6.50 36.26
C ASP D 129 28.27 7.91 35.66
N ASP D 130 29.44 8.28 35.12
CA ASP D 130 29.62 9.61 34.58
C ASP D 130 28.80 9.81 33.31
N ASP D 131 28.20 10.99 33.17
CA ASP D 131 27.42 11.32 31.99
C ASP D 131 28.33 11.79 30.87
N ILE D 132 27.96 11.44 29.64
CA ILE D 132 28.74 11.80 28.46
C ILE D 132 28.05 12.96 27.77
N ARG D 133 28.77 14.08 27.61
CA ARG D 133 28.22 15.23 26.92
C ARG D 133 28.31 14.98 25.43
N VAL D 134 27.23 15.28 24.71
CA VAL D 134 27.18 15.14 23.26
C VAL D 134 27.39 16.49 22.62
N GLU D 135 28.49 16.65 21.88
CA GLU D 135 28.75 17.90 21.18
C GLU D 135 27.71 18.13 20.09
N ASP D 136 27.48 19.41 19.78
CA ASP D 136 26.52 19.79 18.75
C ASP D 136 26.72 18.99 17.47
N HIS D 137 27.97 18.86 17.05
CA HIS D 137 28.30 18.21 15.79
C HIS D 137 28.99 16.86 15.99
N GLU D 138 29.06 16.39 17.24
CA GLU D 138 29.43 15.00 17.49
C GLU D 138 28.28 14.10 17.05
N LEU D 139 28.57 13.14 16.18
CA LEU D 139 27.60 12.16 15.73
C LEU D 139 27.60 10.99 16.71
N PHE D 140 26.52 10.84 17.48
CA PHE D 140 26.44 9.81 18.49
C PHE D 140 25.92 8.52 17.87
N ASP D 141 26.54 7.40 18.25
CA ASP D 141 26.22 6.10 17.68
C ASP D 141 25.08 5.50 18.50
N LEU D 142 23.88 5.51 17.92
CA LEU D 142 22.71 4.93 18.59
C LEU D 142 22.61 3.42 18.46
N ALA D 143 23.53 2.78 17.74
CA ALA D 143 23.51 1.32 17.64
C ALA D 143 24.10 0.64 18.86
N ARG D 144 24.55 1.42 19.84
CA ARG D 144 25.06 0.87 21.09
C ARG D 144 23.97 0.08 21.81
N LYS D 145 24.41 -0.96 22.52
CA LYS D 145 23.49 -1.77 23.32
C LYS D 145 22.78 -0.92 24.37
N GLY D 146 21.47 -1.12 24.48
CA GLY D 146 20.66 -0.40 25.44
C GLY D 146 19.87 0.74 24.80
N VAL D 147 18.91 1.24 25.56
CA VAL D 147 18.11 2.38 25.15
C VAL D 147 18.79 3.65 25.64
N GLU D 148 19.13 4.53 24.71
CA GLU D 148 19.90 5.73 25.03
C GLU D 148 18.99 6.76 25.68
N HIS D 149 19.43 7.30 26.82
CA HIS D 149 18.66 8.29 27.57
C HIS D 149 19.40 9.62 27.56
N PHE D 150 18.79 10.63 26.95
CA PHE D 150 19.40 11.95 26.80
C PHE D 150 18.61 12.98 27.60
N GLN D 151 19.33 13.95 28.17
CA GLN D 151 18.71 15.02 28.93
C GLN D 151 19.49 16.31 28.68
N THR D 152 18.76 17.41 28.49
CA THR D 152 19.36 18.70 28.18
C THR D 152 19.50 19.55 29.43
N VAL D 153 20.65 20.21 29.56
CA VAL D 153 20.94 21.06 30.70
C VAL D 153 21.31 22.45 30.19
N LYS D 154 20.71 23.49 30.78
CA LYS D 154 21.05 24.87 30.43
C LYS D 154 22.53 25.15 30.67
N ARG D 155 23.19 25.75 29.68
CA ARG D 155 24.61 26.06 29.77
C ARG D 155 24.81 27.39 30.48
N LYS D 156 25.07 27.32 31.78
CA LYS D 156 25.27 28.47 32.64
C LYS D 156 26.59 29.15 32.28
CA CA E . 17.09 -5.58 8.42
P PO4 F . 26.89 -11.18 16.62
O1 PO4 F . 26.31 -10.56 17.93
O2 PO4 F . 27.23 -10.03 15.60
O3 PO4 F . 28.20 -11.97 16.98
O4 PO4 F . 25.84 -12.15 15.98
P PO4 G . 11.36 -10.27 29.66
O1 PO4 G . 12.79 -9.63 29.62
O2 PO4 G . 10.73 -10.18 28.23
O3 PO4 G . 11.50 -11.77 30.11
O4 PO4 G . 10.44 -9.53 30.69
CA CA H . 0.02 -11.77 -15.84
CA CA I . 14.80 -15.26 -6.91
P PO4 J . -11.70 10.73 -6.78
O1 PO4 J . -12.88 11.75 -6.63
O2 PO4 J . -11.09 10.85 -8.21
O3 PO4 J . -10.61 11.06 -5.70
O4 PO4 J . -12.23 9.27 -6.57
CA CA K . -12.75 -9.19 -24.37
CA CA L . -27.41 -7.58 -34.89
CA CA M . 20.46 2.24 21.23
P PO4 N . -5.49 7.98 15.08
O1 PO4 N . -4.35 8.59 15.96
O2 PO4 N . -6.11 9.09 14.18
O3 PO4 N . -4.88 6.84 14.19
O4 PO4 N . -6.60 7.38 16.01
P PO4 O . 23.07 3.20 9.07
O1 PO4 O . 23.66 4.54 9.64
O2 PO4 O . 23.24 3.21 7.51
O3 PO4 O . 23.84 1.97 9.69
O4 PO4 O . 21.54 3.07 9.44
#